data_2OEZ
#
_entry.id   2OEZ
#
_cell.length_a   63.759
_cell.length_b   77.567
_cell.length_c   146.167
_cell.angle_alpha   90.00
_cell.angle_beta   90.00
_cell.angle_gamma   90.00
#
_symmetry.space_group_name_H-M   'P 21 21 21'
#
loop_
_entity.id
_entity.type
_entity.pdbx_description
1 polymer 'UPF0289 protein VP2528'
2 water water
#
_entity_poly.entity_id   1
_entity_poly.type   'polypeptide(L)'
_entity_poly.pdbx_seq_one_letter_code
;SNATTHKFEHPLNEKTRIYLRVESLLRQAHLASGFADNHQYQLFFRALFD(MSE)VEIFEQIQLKSELAKDLEKQRLSYR
HWLNVEGVDQEALNSLLNEIDVVHSQL(MSE)GAERFGQALKEDRFLSSIRQRFNLPGGSCCFDLPALHYWLHLPIERKK
HDANQWQKSLKPLSDALTLWLKLARETGHFKAQIARAGFFQSDADEANILRLHIP(MSE)KYGVYP(MSE)ISGHKNRFA
IKF(MSE)AFENGQACSQDVEFELAVC
;
_entity_poly.pdbx_strand_id   A,B
#
# COMPACT_ATOMS: atom_id res chain seq x y z
N ALA A 3 16.93 -12.61 -14.07
CA ALA A 3 18.08 -13.15 -13.28
C ALA A 3 19.42 -12.76 -13.90
N THR A 4 19.40 -12.15 -15.09
CA THR A 4 20.65 -11.60 -15.66
C THR A 4 20.67 -10.06 -15.80
N THR A 5 19.52 -9.47 -16.14
CA THR A 5 19.43 -8.06 -16.48
C THR A 5 18.32 -7.33 -15.76
N HIS A 6 18.68 -6.16 -15.20
CA HIS A 6 17.65 -5.25 -14.69
C HIS A 6 16.95 -4.47 -15.83
N LYS A 7 15.62 -4.42 -15.79
CA LYS A 7 14.84 -3.78 -16.84
C LYS A 7 14.15 -2.52 -16.32
N PHE A 8 14.56 -1.36 -16.79
N PHE A 8 14.54 -1.36 -16.83
CA PHE A 8 14.00 -0.12 -16.26
CA PHE A 8 14.08 -0.10 -16.28
C PHE A 8 13.22 0.61 -17.34
C PHE A 8 13.36 0.76 -17.32
N GLU A 9 12.22 1.37 -16.94
CA GLU A 9 11.54 2.31 -17.86
C GLU A 9 11.55 3.71 -17.27
N HIS A 10 11.73 4.71 -18.13
CA HIS A 10 11.81 6.11 -17.72
C HIS A 10 10.89 6.93 -18.64
N PRO A 11 9.91 7.64 -18.05
CA PRO A 11 9.08 8.54 -18.85
C PRO A 11 9.88 9.80 -19.16
N LEU A 12 9.76 10.30 -20.37
CA LEU A 12 10.55 11.43 -20.76
C LEU A 12 9.79 12.73 -20.67
N ASN A 13 8.51 12.68 -20.30
CA ASN A 13 7.72 13.94 -20.19
C ASN A 13 6.64 13.72 -19.15
N GLU A 14 6.01 14.80 -18.69
N GLU A 14 6.01 14.82 -18.72
CA GLU A 14 5.03 14.68 -17.61
CA GLU A 14 4.96 14.80 -17.70
C GLU A 14 3.81 13.81 -17.98
C GLU A 14 3.85 13.81 -18.01
N LYS A 15 3.35 13.85 -19.24
CA LYS A 15 2.16 13.09 -19.62
C LYS A 15 2.43 11.58 -19.58
N THR A 16 3.64 11.18 -20.01
CA THR A 16 4.00 9.80 -19.96
C THR A 16 4.23 9.32 -18.52
N ARG A 17 4.73 10.21 -17.65
N ARG A 17 4.75 10.21 -17.69
CA ARG A 17 4.91 9.90 -16.23
CA ARG A 17 4.86 9.98 -16.29
C ARG A 17 3.50 9.60 -15.58
C ARG A 17 3.48 9.49 -15.78
N ILE A 18 2.46 10.30 -16.03
CA ILE A 18 1.07 9.98 -15.60
C ILE A 18 0.59 8.63 -16.17
N TYR A 19 0.83 8.38 -17.45
CA TYR A 19 0.49 7.10 -18.10
C TYR A 19 1.09 5.95 -17.34
N LEU A 20 2.39 6.01 -17.06
CA LEU A 20 3.04 4.91 -16.37
C LEU A 20 2.51 4.76 -14.95
N ARG A 21 2.25 5.87 -14.27
CA ARG A 21 1.72 5.82 -12.91
C ARG A 21 0.30 5.17 -12.92
N VAL A 22 -0.52 5.52 -13.90
CA VAL A 22 -1.91 5.02 -13.96
C VAL A 22 -1.84 3.54 -14.31
N GLU A 23 -0.95 3.13 -15.21
CA GLU A 23 -0.80 1.73 -15.58
C GLU A 23 -0.56 0.89 -14.30
N SER A 24 0.35 1.37 -13.49
CA SER A 24 0.74 0.77 -12.20
C SER A 24 -0.46 0.67 -11.21
N LEU A 25 -1.20 1.77 -11.00
CA LEU A 25 -2.38 1.75 -10.11
C LEU A 25 -3.50 0.86 -10.61
N LEU A 26 -3.76 0.85 -11.92
CA LEU A 26 -4.82 0.02 -12.48
C LEU A 26 -4.49 -1.44 -12.17
N ARG A 27 -3.22 -1.82 -12.33
N ARG A 27 -3.21 -1.81 -12.34
CA ARG A 27 -2.82 -3.20 -12.11
CA ARG A 27 -2.74 -3.18 -12.10
C ARG A 27 -2.85 -3.58 -10.62
C ARG A 27 -2.87 -3.57 -10.63
N GLN A 28 -2.49 -2.62 -9.77
CA GLN A 28 -2.52 -2.83 -8.35
C GLN A 28 -3.96 -3.04 -7.84
N ALA A 29 -4.89 -2.22 -8.31
CA ALA A 29 -6.28 -2.35 -7.89
C ALA A 29 -6.88 -3.64 -8.44
N HIS A 30 -6.58 -3.96 -9.69
CA HIS A 30 -6.96 -5.24 -10.24
C HIS A 30 -6.43 -6.47 -9.51
N LEU A 31 -5.19 -6.43 -9.04
CA LEU A 31 -4.59 -7.58 -8.37
C LEU A 31 -5.07 -7.73 -6.92
N ALA A 32 -5.36 -6.59 -6.31
CA ALA A 32 -5.84 -6.47 -4.97
C ALA A 32 -7.36 -6.74 -4.86
N SER A 33 -8.07 -6.91 -5.98
CA SER A 33 -9.56 -6.95 -5.95
C SER A 33 -10.24 -8.30 -5.72
N GLY A 34 -9.42 -9.32 -5.48
CA GLY A 34 -9.92 -10.61 -4.97
C GLY A 34 -10.03 -10.66 -3.45
N PHE A 35 -9.39 -9.68 -2.79
CA PHE A 35 -9.35 -9.59 -1.33
C PHE A 35 -8.93 -10.94 -0.75
N ALA A 36 -7.92 -11.54 -1.40
CA ALA A 36 -7.49 -12.93 -1.10
C ALA A 36 -6.79 -13.02 0.27
N ASP A 37 -6.06 -11.97 0.61
CA ASP A 37 -5.36 -11.82 1.89
C ASP A 37 -5.92 -10.60 2.61
N ASN A 38 -5.97 -10.64 3.93
N ASN A 38 -5.89 -10.67 3.94
CA ASN A 38 -6.63 -9.56 4.68
CA ASN A 38 -6.41 -9.65 4.86
C ASN A 38 -5.86 -8.23 4.75
C ASN A 38 -6.03 -8.21 4.52
N HIS A 39 -4.86 -8.04 3.89
CA HIS A 39 -4.23 -6.71 3.71
C HIS A 39 -4.39 -6.13 2.30
N GLN A 40 -4.72 -6.99 1.34
N GLN A 40 -4.68 -6.97 1.31
CA GLN A 40 -4.91 -6.62 -0.06
CA GLN A 40 -4.85 -6.48 -0.07
C GLN A 40 -5.88 -5.44 -0.30
C GLN A 40 -5.71 -5.23 -0.12
N TYR A 41 -6.84 -5.24 0.61
CA TYR A 41 -7.81 -4.11 0.53
C TYR A 41 -7.11 -2.73 0.63
N GLN A 42 -6.03 -2.74 1.36
CA GLN A 42 -5.20 -1.58 1.56
C GLN A 42 -4.57 -1.08 0.26
N LEU A 43 -4.09 -2.02 -0.56
CA LEU A 43 -3.56 -1.73 -1.91
C LEU A 43 -4.69 -1.31 -2.81
N PHE A 44 -5.83 -2.01 -2.69
CA PHE A 44 -6.96 -1.73 -3.54
C PHE A 44 -7.47 -0.31 -3.37
N PHE A 45 -7.79 0.08 -2.16
CA PHE A 45 -8.36 1.43 -1.94
C PHE A 45 -7.35 2.53 -2.22
N ARG A 46 -6.10 2.32 -1.79
N ARG A 46 -6.11 2.31 -1.76
CA ARG A 46 -5.07 3.33 -2.07
CA ARG A 46 -4.99 3.23 -2.07
C ARG A 46 -4.84 3.54 -3.57
C ARG A 46 -4.94 3.53 -3.56
N ALA A 47 -4.86 2.47 -4.36
CA ALA A 47 -4.86 2.61 -5.84
C ALA A 47 -6.02 3.44 -6.38
N LEU A 48 -7.22 3.15 -5.89
CA LEU A 48 -8.41 3.83 -6.32
C LEU A 48 -8.29 5.29 -6.03
N PHE A 49 -7.89 5.62 -4.81
CA PHE A 49 -7.84 7.01 -4.36
C PHE A 49 -6.67 7.82 -5.01
N ASP A 50 -5.55 7.17 -5.26
CA ASP A 50 -4.44 7.78 -6.00
C ASP A 50 -4.85 8.09 -7.43
N VAL A 52 -7.98 8.78 -8.48
CA VAL A 52 -8.93 9.92 -8.43
C VAL A 52 -8.15 11.24 -8.35
N GLU A 53 -7.19 11.30 -7.43
N GLU A 53 -7.16 11.26 -7.44
CA GLU A 53 -6.32 12.44 -7.32
CA GLU A 53 -6.17 12.33 -7.23
C GLU A 53 -5.73 12.82 -8.70
C GLU A 53 -5.47 12.78 -8.55
N ILE A 54 -5.26 11.83 -9.47
CA ILE A 54 -4.74 12.10 -10.83
C ILE A 54 -5.79 12.69 -11.80
N PHE A 55 -7.01 12.16 -11.80
CA PHE A 55 -8.06 12.64 -12.72
C PHE A 55 -8.47 14.11 -12.48
N GLU A 56 -8.22 14.61 -11.28
CA GLU A 56 -8.48 16.02 -10.99
C GLU A 56 -7.46 16.97 -11.65
N GLN A 57 -6.19 16.52 -11.75
N GLN A 57 -6.18 16.62 -11.68
CA GLN A 57 -5.01 17.35 -12.07
CA GLN A 57 -5.21 17.58 -12.20
C GLN A 57 -4.44 17.27 -13.51
C GLN A 57 -5.17 17.65 -13.72
N ILE A 58 -5.10 16.49 -14.37
CA ILE A 58 -4.71 16.38 -15.79
C ILE A 58 -5.90 15.98 -16.68
N GLN A 59 -5.86 16.43 -17.93
CA GLN A 59 -6.89 16.09 -18.90
C GLN A 59 -6.52 14.81 -19.63
N LEU A 60 -6.67 13.69 -18.92
CA LEU A 60 -6.12 12.43 -19.36
C LEU A 60 -6.86 11.89 -20.56
N LYS A 61 -8.19 12.03 -20.57
CA LYS A 61 -8.99 11.47 -21.65
C LYS A 61 -8.60 12.10 -22.99
N SER A 62 -8.47 13.43 -23.03
CA SER A 62 -8.12 14.11 -24.30
C SER A 62 -6.66 13.84 -24.72
N GLU A 63 -5.73 13.79 -23.75
CA GLU A 63 -4.34 13.38 -23.99
C GLU A 63 -4.25 12.01 -24.66
N LEU A 64 -5.02 11.07 -24.13
CA LEU A 64 -4.99 9.68 -24.57
C LEU A 64 -5.70 9.51 -25.91
N ALA A 65 -6.83 10.20 -26.11
CA ALA A 65 -7.44 10.27 -27.44
C ALA A 65 -6.45 10.74 -28.53
N LYS A 66 -5.79 11.88 -28.31
N LYS A 66 -5.79 11.88 -28.29
CA LYS A 66 -4.87 12.42 -29.27
CA LYS A 66 -4.84 12.47 -29.21
C LYS A 66 -3.70 11.48 -29.52
C LYS A 66 -3.69 11.51 -29.50
N ASP A 67 -3.18 10.86 -28.46
CA ASP A 67 -2.12 9.87 -28.57
C ASP A 67 -2.49 8.64 -29.37
N LEU A 68 -3.70 8.15 -29.20
CA LEU A 68 -4.18 7.03 -29.98
C LEU A 68 -4.39 7.39 -31.45
N GLU A 69 -4.85 8.62 -31.72
CA GLU A 69 -4.89 9.17 -33.11
C GLU A 69 -3.50 9.21 -33.74
N LYS A 70 -2.49 9.59 -32.97
N LYS A 70 -2.49 9.60 -32.96
CA LYS A 70 -1.12 9.59 -33.52
CA LYS A 70 -1.10 9.60 -33.45
C LYS A 70 -0.65 8.17 -33.92
C LYS A 70 -0.68 8.19 -33.92
N GLN A 71 -0.94 7.19 -33.07
CA GLN A 71 -0.65 5.78 -33.37
C GLN A 71 -1.44 5.25 -34.57
N ARG A 72 -2.75 5.53 -34.61
N ARG A 72 -2.75 5.57 -34.60
CA ARG A 72 -3.54 5.13 -35.75
CA ARG A 72 -3.61 5.20 -35.70
C ARG A 72 -2.85 5.64 -37.06
C ARG A 72 -3.07 5.70 -37.07
N LEU A 73 -2.54 6.92 -37.11
CA LEU A 73 -1.94 7.52 -38.31
C LEU A 73 -0.65 6.76 -38.73
N SER A 74 0.18 6.37 -37.76
CA SER A 74 1.37 5.61 -38.11
C SER A 74 1.06 4.22 -38.70
N TYR A 75 -0.04 3.59 -38.30
CA TYR A 75 -0.43 2.32 -38.91
C TYR A 75 -1.15 2.49 -40.26
N ARG A 76 -1.95 3.54 -40.41
N ARG A 76 -1.97 3.54 -40.38
CA ARG A 76 -2.66 3.79 -41.67
CA ARG A 76 -2.69 3.90 -41.63
C ARG A 76 -1.74 4.08 -42.86
C ARG A 76 -1.74 4.06 -42.82
N HIS A 77 -0.53 4.55 -42.59
CA HIS A 77 0.43 4.76 -43.65
C HIS A 77 0.86 3.44 -44.31
N TRP A 78 0.46 2.31 -43.75
CA TRP A 78 0.84 0.99 -44.31
C TRP A 78 -0.32 0.29 -44.97
N LEU A 79 -1.51 0.90 -44.93
CA LEU A 79 -2.67 0.40 -45.67
C LEU A 79 -2.36 0.25 -47.13
N ASN A 80 -2.66 -0.95 -47.64
CA ASN A 80 -2.51 -1.33 -49.05
C ASN A 80 -1.08 -1.44 -49.53
N VAL A 81 -0.12 -1.53 -48.60
CA VAL A 81 1.28 -1.65 -49.01
C VAL A 81 1.61 -3.14 -49.16
N GLU A 82 2.03 -3.54 -50.36
N GLU A 82 2.01 -3.51 -50.38
CA GLU A 82 2.33 -4.95 -50.68
CA GLU A 82 2.53 -4.83 -50.70
C GLU A 82 3.62 -5.44 -50.01
C GLU A 82 3.66 -5.19 -49.76
N GLY A 83 3.45 -6.20 -48.92
CA GLY A 83 4.52 -6.69 -48.08
C GLY A 83 4.08 -6.61 -46.64
N VAL A 84 2.93 -5.99 -46.42
CA VAL A 84 2.41 -5.84 -45.07
C VAL A 84 1.12 -6.63 -45.03
N ASP A 85 0.97 -7.43 -43.98
CA ASP A 85 -0.20 -8.27 -43.81
C ASP A 85 -1.40 -7.35 -43.54
N GLN A 86 -2.28 -7.24 -44.53
CA GLN A 86 -3.41 -6.31 -44.46
C GLN A 86 -4.48 -6.73 -43.46
N GLU A 87 -4.52 -8.03 -43.14
CA GLU A 87 -5.53 -8.52 -42.22
C GLU A 87 -5.14 -8.20 -40.78
N ALA A 88 -3.87 -8.44 -40.46
CA ALA A 88 -3.29 -8.06 -39.18
C ALA A 88 -3.40 -6.55 -38.92
N LEU A 89 -3.05 -5.76 -39.94
CA LEU A 89 -3.12 -4.31 -39.87
C LEU A 89 -4.56 -3.80 -39.64
N ASN A 90 -5.49 -4.30 -40.44
CA ASN A 90 -6.91 -3.93 -40.28
C ASN A 90 -7.50 -4.31 -38.94
N SER A 91 -7.07 -5.45 -38.42
CA SER A 91 -7.48 -5.92 -37.09
C SER A 91 -6.97 -4.99 -35.97
N LEU A 92 -5.74 -4.52 -36.12
CA LEU A 92 -5.19 -3.54 -35.19
C LEU A 92 -5.88 -2.15 -35.32
N LEU A 93 -6.10 -1.68 -36.53
CA LEU A 93 -6.81 -0.42 -36.77
C LEU A 93 -8.23 -0.48 -36.21
N ASN A 94 -8.85 -1.67 -36.27
CA ASN A 94 -10.19 -1.85 -35.69
C ASN A 94 -10.12 -1.84 -34.17
N GLU A 95 -9.11 -2.49 -33.60
CA GLU A 95 -8.91 -2.41 -32.16
C GLU A 95 -8.76 -0.92 -31.79
N ILE A 96 -7.88 -0.16 -32.44
CA ILE A 96 -7.78 1.28 -32.14
C ILE A 96 -9.12 2.07 -32.14
N ASP A 97 -9.92 1.98 -33.20
N ASP A 97 -9.91 1.99 -33.22
CA ASP A 97 -11.10 2.86 -33.21
CA ASP A 97 -11.14 2.83 -33.26
C ASP A 97 -12.22 2.39 -32.25
C ASP A 97 -12.08 2.41 -32.13
N VAL A 98 -12.22 1.11 -31.91
CA VAL A 98 -13.06 0.61 -30.81
C VAL A 98 -12.68 1.20 -29.42
N VAL A 99 -11.38 1.17 -29.07
CA VAL A 99 -10.90 1.73 -27.82
C VAL A 99 -11.02 3.26 -27.80
N HIS A 100 -10.83 3.90 -28.95
CA HIS A 100 -10.91 5.35 -29.05
C HIS A 100 -12.38 5.85 -28.96
N SER A 101 -13.28 5.05 -29.55
CA SER A 101 -14.72 5.35 -29.56
C SER A 101 -15.28 5.23 -28.14
N GLN A 102 -14.88 4.17 -27.44
CA GLN A 102 -15.20 3.93 -26.04
C GLN A 102 -14.72 5.09 -25.19
N LEU A 103 -13.46 5.46 -25.40
CA LEU A 103 -12.88 6.61 -24.75
C LEU A 103 -13.74 7.84 -24.94
N GLY A 105 -17.04 8.37 -25.81
CA GLY A 105 -18.35 8.33 -25.16
C GLY A 105 -18.32 8.02 -23.66
N ALA A 106 -17.14 7.89 -23.09
CA ALA A 106 -17.00 7.63 -21.65
C ALA A 106 -17.39 8.83 -20.80
N GLU A 107 -17.90 8.57 -19.59
N GLU A 107 -17.98 8.58 -19.63
CA GLU A 107 -18.05 9.61 -18.55
CA GLU A 107 -18.21 9.65 -18.67
C GLU A 107 -16.72 10.26 -18.15
C GLU A 107 -16.88 10.15 -18.13
N ARG A 108 -16.81 11.40 -17.48
N ARG A 108 -16.87 11.37 -17.60
CA ARG A 108 -15.66 12.02 -16.83
CA ARG A 108 -15.66 11.88 -16.98
C ARG A 108 -14.93 10.95 -15.98
C ARG A 108 -14.95 10.78 -16.19
N PHE A 109 -13.62 10.80 -16.20
CA PHE A 109 -12.81 9.82 -15.48
C PHE A 109 -12.97 10.02 -13.97
N GLY A 110 -13.24 8.94 -13.24
CA GLY A 110 -13.35 9.00 -11.77
C GLY A 110 -14.62 9.62 -11.22
N GLN A 111 -15.56 9.92 -12.10
CA GLN A 111 -16.85 10.49 -11.71
C GLN A 111 -17.71 9.53 -10.88
N ALA A 112 -17.99 8.34 -11.41
CA ALA A 112 -18.69 7.33 -10.64
C ALA A 112 -17.98 6.99 -9.30
N LEU A 113 -16.67 7.20 -9.22
CA LEU A 113 -15.93 6.99 -7.96
C LEU A 113 -16.18 8.10 -6.93
N LYS A 114 -16.19 9.33 -7.43
CA LYS A 114 -16.43 10.53 -6.65
C LYS A 114 -17.88 10.59 -6.19
N GLU A 115 -18.75 9.90 -6.91
CA GLU A 115 -20.18 9.93 -6.65
C GLU A 115 -20.64 8.84 -5.70
N ASP A 116 -19.82 7.82 -5.51
CA ASP A 116 -20.11 6.73 -4.61
C ASP A 116 -20.06 7.28 -3.18
N ARG A 117 -21.15 7.09 -2.44
N ARG A 117 -21.13 7.10 -2.40
CA ARG A 117 -21.27 7.59 -1.07
CA ARG A 117 -21.13 7.70 -1.07
C ARG A 117 -20.20 7.03 -0.15
C ARG A 117 -20.20 7.02 -0.06
N PHE A 118 -20.03 5.71 -0.18
CA PHE A 118 -19.08 4.99 0.68
C PHE A 118 -17.64 5.42 0.42
N LEU A 119 -17.26 5.47 -0.86
CA LEU A 119 -15.89 5.87 -1.21
C LEU A 119 -15.58 7.28 -0.71
N SER A 120 -16.43 8.28 -0.97
CA SER A 120 -16.09 9.67 -0.58
C SER A 120 -15.98 9.78 0.92
N SER A 121 -16.92 9.15 1.61
CA SER A 121 -16.98 9.13 3.05
C SER A 121 -15.74 8.60 3.73
N ILE A 122 -14.89 7.90 2.98
CA ILE A 122 -13.66 7.37 3.56
C ILE A 122 -12.45 7.96 2.90
N ARG A 123 -12.63 8.54 1.70
CA ARG A 123 -11.53 9.07 0.85
C ARG A 123 -10.52 9.98 1.57
N GLN A 124 -11.01 11.08 2.15
CA GLN A 124 -10.20 12.02 2.93
C GLN A 124 -9.43 11.38 4.11
N ARG A 125 -10.12 10.63 4.97
CA ARG A 125 -9.46 9.98 6.10
C ARG A 125 -8.58 8.78 5.69
N PHE A 126 -8.95 8.07 4.64
CA PHE A 126 -8.13 6.95 4.21
C PHE A 126 -6.75 7.50 3.84
N ASN A 127 -6.77 8.72 3.31
CA ASN A 127 -5.59 9.39 2.76
C ASN A 127 -4.63 10.07 3.75
N LEU A 128 -5.11 10.44 4.96
CA LEU A 128 -4.28 11.13 5.96
C LEU A 128 -2.90 10.51 6.16
N CYS A 133 -4.93 0.51 9.93
CA CYS A 133 -6.11 -0.27 10.38
C CYS A 133 -7.34 0.58 10.68
N CYS A 134 -8.47 -0.09 10.91
CA CYS A 134 -9.75 0.58 10.71
C CYS A 134 -10.54 1.01 11.93
N PHE A 135 -9.90 1.13 13.08
CA PHE A 135 -10.63 1.64 14.26
C PHE A 135 -11.05 3.11 14.09
N ASP A 136 -10.45 3.82 13.15
CA ASP A 136 -10.91 5.18 12.82
C ASP A 136 -11.75 5.19 11.53
N LEU A 137 -11.82 4.05 10.86
CA LEU A 137 -12.79 3.90 9.77
C LEU A 137 -13.77 2.72 10.01
N PRO A 138 -14.72 2.90 10.96
CA PRO A 138 -15.68 1.87 11.31
C PRO A 138 -16.49 1.39 10.10
N ALA A 139 -16.77 2.30 9.17
CA ALA A 139 -17.53 1.96 7.95
C ALA A 139 -16.75 1.05 7.00
N LEU A 140 -15.45 1.31 6.84
CA LEU A 140 -14.59 0.41 6.08
C LEU A 140 -14.48 -0.94 6.82
N HIS A 141 -14.28 -0.91 8.12
CA HIS A 141 -14.21 -2.14 8.86
C HIS A 141 -15.49 -3.01 8.67
N TYR A 142 -16.65 -2.35 8.67
CA TYR A 142 -17.89 -3.04 8.39
C TYR A 142 -17.89 -3.61 6.99
N TRP A 143 -17.42 -2.84 6.03
CA TRP A 143 -17.39 -3.29 4.67
C TRP A 143 -16.48 -4.51 4.52
N LEU A 144 -15.34 -4.54 5.23
CA LEU A 144 -14.41 -5.66 5.14
C LEU A 144 -15.01 -6.96 5.67
N HIS A 145 -16.04 -6.82 6.49
CA HIS A 145 -16.75 -7.91 7.14
C HIS A 145 -17.93 -8.44 6.30
N LEU A 146 -18.24 -7.79 5.18
CA LEU A 146 -19.27 -8.25 4.29
C LEU A 146 -18.78 -9.55 3.61
N PRO A 147 -19.72 -10.35 3.07
CA PRO A 147 -19.42 -11.51 2.23
C PRO A 147 -18.43 -11.25 1.11
N ILE A 148 -17.52 -12.19 0.90
CA ILE A 148 -16.48 -12.03 -0.07
C ILE A 148 -17.06 -11.77 -1.47
N GLU A 149 -18.21 -12.38 -1.78
N GLU A 149 -18.21 -12.35 -1.81
CA GLU A 149 -18.93 -12.15 -3.04
CA GLU A 149 -18.76 -12.06 -3.12
C GLU A 149 -19.32 -10.68 -3.16
C GLU A 149 -19.39 -10.67 -3.21
N ARG A 150 -19.78 -10.10 -2.06
CA ARG A 150 -20.22 -8.71 -1.99
C ARG A 150 -19.04 -7.75 -2.20
N LYS A 151 -17.98 -7.93 -1.42
CA LYS A 151 -16.72 -7.17 -1.57
C LYS A 151 -16.22 -7.22 -3.02
N LYS A 152 -16.14 -8.41 -3.59
CA LYS A 152 -15.68 -8.55 -4.98
C LYS A 152 -16.63 -7.85 -5.92
N HIS A 153 -17.92 -7.85 -5.61
CA HIS A 153 -18.88 -7.23 -6.50
C HIS A 153 -18.67 -5.72 -6.50
N ASP A 154 -18.52 -5.16 -5.32
CA ASP A 154 -18.37 -3.73 -5.21
C ASP A 154 -17.05 -3.25 -5.92
N ALA A 155 -15.97 -3.96 -5.65
CA ALA A 155 -14.64 -3.66 -6.23
C ALA A 155 -14.69 -3.77 -7.76
N ASN A 156 -15.41 -4.78 -8.23
CA ASN A 156 -15.64 -4.87 -9.68
C ASN A 156 -16.51 -3.74 -10.25
N GLN A 157 -17.53 -3.31 -9.51
CA GLN A 157 -18.33 -2.16 -10.00
C GLN A 157 -17.46 -0.89 -10.10
N TRP A 158 -16.68 -0.62 -9.06
CA TRP A 158 -15.79 0.52 -9.05
C TRP A 158 -14.77 0.45 -10.18
N GLN A 159 -14.26 -0.74 -10.44
CA GLN A 159 -13.34 -0.90 -11.52
C GLN A 159 -13.91 -0.72 -12.93
N LYS A 160 -15.14 -1.19 -13.14
N LYS A 160 -15.13 -1.19 -13.18
CA LYS A 160 -15.79 -1.10 -14.46
CA LYS A 160 -15.70 -1.08 -14.54
C LYS A 160 -15.85 0.35 -14.95
C LYS A 160 -15.82 0.38 -14.98
N SER A 161 -15.94 1.29 -14.02
CA SER A 161 -15.99 2.73 -14.33
C SER A 161 -14.67 3.23 -14.97
N LEU A 162 -13.57 2.52 -14.72
CA LEU A 162 -12.24 2.87 -15.32
C LEU A 162 -11.93 2.08 -16.61
N LYS A 163 -12.90 1.32 -17.09
CA LYS A 163 -12.65 0.45 -18.24
C LYS A 163 -12.24 1.21 -19.53
N PRO A 164 -12.93 2.32 -19.85
CA PRO A 164 -12.50 3.10 -21.02
C PRO A 164 -11.05 3.61 -20.94
N LEU A 165 -10.68 4.16 -19.79
CA LEU A 165 -9.28 4.49 -19.49
C LEU A 165 -8.37 3.25 -19.59
N SER A 166 -8.67 2.19 -18.87
CA SER A 166 -7.84 1.00 -18.93
C SER A 166 -7.63 0.47 -20.37
N ASP A 167 -8.71 0.32 -21.11
CA ASP A 167 -8.60 -0.19 -22.49
C ASP A 167 -7.68 0.71 -23.35
N ALA A 168 -7.82 2.03 -23.22
CA ALA A 168 -7.08 2.97 -24.06
C ALA A 168 -5.64 3.04 -23.68
N LEU A 169 -5.37 3.05 -22.37
CA LEU A 169 -4.02 3.16 -21.92
C LEU A 169 -3.28 1.85 -22.23
N THR A 170 -3.90 0.73 -21.89
CA THR A 170 -3.27 -0.54 -22.18
C THR A 170 -2.87 -0.64 -23.63
N LEU A 171 -3.79 -0.27 -24.53
CA LEU A 171 -3.44 -0.29 -25.95
C LEU A 171 -2.30 0.69 -26.31
N TRP A 172 -2.41 1.95 -25.88
CA TRP A 172 -1.40 2.92 -26.23
C TRP A 172 -0.01 2.42 -25.83
N LEU A 173 0.09 1.95 -24.60
CA LEU A 173 1.37 1.48 -24.07
C LEU A 173 1.95 0.27 -24.79
N LYS A 174 1.08 -0.67 -25.11
CA LYS A 174 1.45 -1.82 -25.91
C LYS A 174 2.00 -1.39 -27.26
N LEU A 175 1.32 -0.46 -27.92
CA LEU A 175 1.79 -0.03 -29.25
C LEU A 175 3.08 0.82 -29.14
N ALA A 176 3.21 1.59 -28.06
CA ALA A 176 4.39 2.43 -27.83
C ALA A 176 5.58 1.53 -27.59
N ARG A 177 5.46 0.59 -26.67
CA ARG A 177 6.55 -0.37 -26.41
C ARG A 177 6.98 -1.15 -27.66
N GLU A 178 6.01 -1.51 -28.50
N GLU A 178 6.00 -1.51 -28.49
CA GLU A 178 6.28 -2.13 -29.84
CA GLU A 178 6.28 -2.19 -29.76
C GLU A 178 7.32 -1.38 -30.64
C GLU A 178 7.17 -1.39 -30.75
N THR A 179 7.24 -0.05 -30.62
CA THR A 179 8.14 0.79 -31.47
C THR A 179 9.57 0.90 -30.99
N GLY A 180 9.87 0.38 -29.81
CA GLY A 180 11.20 0.48 -29.29
C GLY A 180 12.00 -0.70 -29.75
N HIS A 181 13.17 -0.44 -30.31
N HIS A 181 13.16 -0.45 -30.33
CA HIS A 181 14.11 -1.49 -30.62
CA HIS A 181 14.06 -1.56 -30.58
C HIS A 181 15.33 -1.34 -29.70
C HIS A 181 15.34 -1.38 -29.75
N PHE A 182 15.67 -2.41 -28.97
CA PHE A 182 16.84 -2.41 -28.09
C PHE A 182 18.15 -2.40 -28.86
N LYS A 183 18.98 -1.39 -28.62
CA LYS A 183 20.32 -1.33 -29.20
C LYS A 183 21.42 -1.25 -28.12
N ALA A 184 22.56 -1.89 -28.40
CA ALA A 184 23.75 -1.89 -27.53
C ALA A 184 24.31 -0.49 -27.34
N GLN A 185 24.55 -0.11 -26.09
CA GLN A 185 25.20 1.17 -25.79
C GLN A 185 26.28 1.01 -24.71
N ILE A 186 27.17 2.01 -24.58
CA ILE A 186 28.17 1.97 -23.53
C ILE A 186 28.11 3.32 -22.82
N ALA A 187 28.04 3.28 -21.49
CA ALA A 187 28.19 4.48 -20.63
C ALA A 187 29.59 4.45 -20.05
N ARG A 188 30.52 5.12 -20.74
CA ARG A 188 31.88 5.21 -20.31
C ARG A 188 31.93 6.00 -19.02
N ALA A 189 32.67 5.49 -18.03
CA ALA A 189 32.65 6.05 -16.67
C ALA A 189 31.29 6.31 -16.05
N GLY A 190 30.30 5.45 -16.30
CA GLY A 190 28.98 5.59 -15.71
C GLY A 190 28.06 6.61 -16.33
N PHE A 191 28.43 7.19 -17.48
CA PHE A 191 27.62 8.27 -18.04
C PHE A 191 27.29 8.06 -19.53
N PHE A 192 26.05 8.36 -19.89
CA PHE A 192 25.60 8.22 -21.27
C PHE A 192 24.69 9.39 -21.53
N GLN A 193 24.78 10.00 -22.69
CA GLN A 193 23.75 10.96 -23.05
C GLN A 193 23.46 10.80 -24.54
N SER A 194 22.26 11.17 -24.93
CA SER A 194 21.86 11.11 -26.29
C SER A 194 20.66 12.01 -26.43
N ASP A 195 20.08 12.03 -27.61
CA ASP A 195 18.89 12.80 -27.84
C ASP A 195 17.90 11.93 -28.60
N ALA A 196 16.65 12.34 -28.54
CA ALA A 196 15.57 11.66 -29.23
C ALA A 196 14.52 12.69 -29.60
N ASP A 197 14.09 12.63 -30.86
N ASP A 197 13.92 12.56 -30.79
CA ASP A 197 13.03 13.48 -31.31
CA ASP A 197 12.82 13.45 -31.16
C ASP A 197 11.72 12.76 -31.02
C ASP A 197 11.47 13.09 -30.53
N GLU A 198 10.84 13.45 -30.30
N GLU A 198 11.01 13.88 -29.57
CA GLU A 198 9.49 12.96 -30.04
CA GLU A 198 9.65 13.69 -29.05
C GLU A 198 9.38 11.68 -29.25
C GLU A 198 9.30 12.25 -28.60
N ALA A 199 10.32 11.43 -28.33
CA ALA A 199 10.23 10.16 -27.62
C ALA A 199 9.46 10.30 -26.31
N ASN A 200 8.79 9.21 -25.89
CA ASN A 200 8.03 9.20 -24.63
C ASN A 200 8.65 8.34 -23.53
N ILE A 201 9.21 7.18 -23.88
CA ILE A 201 9.66 6.19 -22.89
C ILE A 201 11.08 5.70 -23.27
N LEU A 202 12.01 5.70 -22.32
CA LEU A 202 13.28 4.99 -22.42
C LEU A 202 13.16 3.68 -21.76
N ARG A 203 13.62 2.62 -22.42
CA ARG A 203 13.65 1.33 -21.73
C ARG A 203 15.11 0.85 -21.68
N LEU A 204 15.58 0.50 -20.51
CA LEU A 204 16.97 0.09 -20.31
C LEU A 204 17.02 -1.34 -19.85
N HIS A 205 17.96 -2.09 -20.43
CA HIS A 205 18.33 -3.40 -19.91
C HIS A 205 19.73 -3.34 -19.36
N ILE A 206 19.92 -3.54 -18.06
CA ILE A 206 21.28 -3.35 -17.50
C ILE A 206 21.72 -4.66 -16.86
N PRO A 207 22.88 -5.21 -17.25
CA PRO A 207 23.39 -6.42 -16.60
C PRO A 207 23.52 -6.22 -15.07
N LYS A 209 25.46 -7.62 -13.01
CA LYS A 209 26.82 -7.79 -12.50
C LYS A 209 27.41 -6.44 -12.10
N TYR A 210 26.94 -5.39 -12.75
CA TYR A 210 27.48 -4.06 -12.48
C TYR A 210 27.10 -3.52 -11.10
N GLY A 211 25.98 -3.97 -10.55
CA GLY A 211 25.51 -3.54 -9.23
C GLY A 211 25.08 -2.08 -9.27
N VAL A 212 24.55 -1.68 -10.42
CA VAL A 212 24.13 -0.29 -10.64
C VAL A 212 22.65 -0.10 -11.05
N TYR A 213 22.13 1.10 -10.74
CA TYR A 213 20.82 1.52 -11.20
C TYR A 213 20.97 2.89 -11.88
N PRO A 214 20.09 3.19 -12.83
CA PRO A 214 20.25 4.42 -13.61
C PRO A 214 19.53 5.61 -12.94
N ILE A 216 18.25 9.05 -14.35
CA ILE A 216 18.06 9.60 -15.67
C ILE A 216 17.44 10.97 -15.58
N SER A 217 17.94 11.88 -16.40
CA SER A 217 17.38 13.22 -16.40
C SER A 217 17.27 13.69 -17.86
N GLY A 218 16.59 14.78 -18.09
CA GLY A 218 16.39 15.23 -19.45
C GLY A 218 16.03 16.66 -19.57
N HIS A 219 16.22 17.21 -20.76
CA HIS A 219 15.80 18.57 -20.98
C HIS A 219 15.54 18.65 -22.46
N LYS A 220 14.32 19.05 -22.80
N LYS A 220 14.37 19.16 -22.84
CA LYS A 220 13.86 19.11 -24.19
CA LYS A 220 14.00 19.25 -24.27
C LYS A 220 14.10 17.73 -24.79
C LYS A 220 14.03 17.84 -24.85
N ASN A 221 14.76 17.61 -25.94
CA ASN A 221 14.98 16.26 -26.51
C ASN A 221 16.18 15.49 -25.99
N ARG A 222 16.94 16.08 -25.08
CA ARG A 222 18.18 15.42 -24.64
C ARG A 222 17.90 14.65 -23.34
N PHE A 223 18.59 13.53 -23.13
CA PHE A 223 18.50 12.83 -21.87
C PHE A 223 19.91 12.34 -21.51
N ALA A 224 20.11 12.09 -20.22
CA ALA A 224 21.41 11.75 -19.66
C ALA A 224 21.15 10.66 -18.61
N ILE A 225 21.93 9.61 -18.67
CA ILE A 225 21.77 8.45 -17.78
C ILE A 225 23.07 8.41 -16.99
N LYS A 226 22.94 8.34 -15.68
CA LYS A 226 24.09 8.22 -14.80
C LYS A 226 23.87 6.92 -14.01
N PHE A 227 24.87 6.07 -13.99
CA PHE A 227 24.77 4.76 -13.32
C PHE A 227 25.36 4.88 -11.92
N ALA A 229 26.17 3.20 -8.09
CA ALA A 229 26.33 1.93 -7.40
C ALA A 229 25.23 1.80 -6.34
N PHE A 230 24.58 0.64 -6.33
CA PHE A 230 23.65 0.31 -5.26
C PHE A 230 24.26 0.30 -3.84
N GLU A 231 25.52 -0.13 -3.69
N GLU A 231 25.54 -0.07 -3.69
N GLU A 231 25.55 -0.09 -3.77
CA GLU A 231 26.18 -0.16 -2.38
CA GLU A 231 26.17 -0.17 -2.35
CA GLU A 231 26.41 -0.14 -2.56
C GLU A 231 26.18 1.20 -1.67
C GLU A 231 26.64 1.13 -1.67
C GLU A 231 26.40 1.12 -1.71
N ASN A 232 26.58 2.28 -2.36
CA ASN A 232 26.78 3.57 -1.67
C ASN A 232 25.93 4.73 -2.20
N GLY A 233 25.15 4.45 -3.23
CA GLY A 233 24.35 5.47 -3.89
C GLY A 233 25.21 6.46 -4.66
N GLN A 234 26.52 6.21 -4.72
CA GLN A 234 27.46 7.12 -5.45
C GLN A 234 27.67 6.72 -6.92
N ALA A 235 28.14 7.66 -7.74
CA ALA A 235 28.35 7.39 -9.17
C ALA A 235 29.31 6.22 -9.38
N CYS A 236 28.98 5.36 -10.33
N CYS A 236 28.93 5.34 -10.30
CA CYS A 236 29.83 4.23 -10.70
CA CYS A 236 29.82 4.31 -10.78
C CYS A 236 30.76 4.68 -11.82
C CYS A 236 30.80 5.02 -11.70
N SER A 237 32.05 4.51 -11.63
N SER A 237 32.00 4.47 -11.79
CA SER A 237 33.02 5.01 -12.61
CA SER A 237 33.03 5.00 -12.67
C SER A 237 33.34 4.01 -13.73
C SER A 237 33.59 3.88 -13.53
N GLN A 238 32.84 2.79 -13.60
CA GLN A 238 33.13 1.70 -14.53
C GLN A 238 32.39 2.00 -15.83
N ASP A 239 32.86 1.41 -16.93
CA ASP A 239 32.16 1.53 -18.21
C ASP A 239 30.97 0.57 -18.17
N VAL A 240 29.76 1.03 -18.50
CA VAL A 240 28.59 0.18 -18.37
C VAL A 240 28.06 -0.10 -19.74
N GLU A 241 28.06 -1.38 -20.11
CA GLU A 241 27.42 -1.83 -21.33
C GLU A 241 25.97 -2.18 -21.04
N PHE A 242 25.05 -1.68 -21.84
CA PHE A 242 23.64 -1.83 -21.55
C PHE A 242 22.89 -1.72 -22.89
N GLU A 243 21.61 -2.02 -22.87
CA GLU A 243 20.74 -1.86 -24.03
C GLU A 243 19.65 -0.85 -23.77
N LEU A 244 19.29 -0.13 -24.80
CA LEU A 244 18.41 1.01 -24.63
C LEU A 244 17.46 0.96 -25.80
N ALA A 245 16.16 1.06 -25.49
CA ALA A 245 15.16 1.16 -26.51
C ALA A 245 14.50 2.50 -26.23
N VAL A 246 14.33 3.26 -27.28
CA VAL A 246 13.70 4.55 -27.21
C VAL A 246 12.33 4.48 -27.91
N CYS A 247 11.26 4.62 -27.14
CA CYS A 247 9.92 4.71 -27.71
C CYS A 247 9.33 6.14 -27.68
N THR B 4 -21.49 -14.47 11.20
CA THR B 4 -22.73 -13.62 11.34
C THR B 4 -22.65 -12.60 12.52
N THR B 5 -21.42 -12.19 12.85
CA THR B 5 -21.16 -11.19 13.86
C THR B 5 -20.09 -10.24 13.36
N HIS B 6 -20.29 -8.93 13.51
CA HIS B 6 -19.23 -7.96 13.15
C HIS B 6 -18.37 -7.54 14.39
N LYS B 7 -17.06 -7.76 14.32
CA LYS B 7 -16.19 -7.54 15.49
C LYS B 7 -15.34 -6.25 15.40
N PHE B 8 -15.60 -5.29 16.29
N PHE B 8 -15.57 -5.34 16.34
CA PHE B 8 -14.94 -3.98 16.27
CA PHE B 8 -14.96 -4.03 16.36
C PHE B 8 -14.16 -3.75 17.56
C PHE B 8 -14.08 -3.86 17.60
N GLU B 9 -13.01 -3.10 17.44
CA GLU B 9 -12.14 -2.74 18.56
C GLU B 9 -11.90 -1.22 18.49
N HIS B 10 -12.03 -0.57 19.64
CA HIS B 10 -11.85 0.86 19.74
C HIS B 10 -10.86 1.21 20.85
N PRO B 11 -9.84 2.03 20.55
CA PRO B 11 -8.86 2.41 21.56
C PRO B 11 -9.43 3.56 22.38
N LEU B 12 -9.40 3.44 23.70
CA LEU B 12 -9.95 4.51 24.54
C LEU B 12 -9.02 5.69 24.85
N ASN B 13 -7.80 5.66 24.34
CA ASN B 13 -6.80 6.68 24.65
C ASN B 13 -5.75 6.67 23.55
N GLU B 14 -4.89 7.68 23.54
N GLU B 14 -4.92 7.71 23.52
CA GLU B 14 -3.98 7.85 22.43
CA GLU B 14 -3.92 7.87 22.47
C GLU B 14 -2.80 6.85 22.43
C GLU B 14 -2.94 6.69 22.42
N LYS B 15 -2.45 6.31 23.60
CA LYS B 15 -1.42 5.31 23.71
C LYS B 15 -1.92 4.02 23.04
N THR B 16 -3.17 3.63 23.31
CA THR B 16 -3.74 2.38 22.77
C THR B 16 -4.01 2.53 21.28
N ARG B 17 -4.36 3.74 20.87
N ARG B 17 -4.35 3.73 20.83
CA ARG B 17 -4.46 4.10 19.45
CA ARG B 17 -4.47 3.96 19.37
C ARG B 17 -3.15 3.63 18.75
C ARG B 17 -3.12 3.62 18.68
N ILE B 18 -2.02 4.14 19.24
CA ILE B 18 -0.69 3.78 18.72
C ILE B 18 -0.40 2.27 18.86
N TYR B 19 -0.69 1.69 20.01
CA TYR B 19 -0.56 0.25 20.12
C TYR B 19 -1.29 -0.49 18.99
N LEU B 20 -2.54 -0.11 18.71
CA LEU B 20 -3.31 -0.79 17.68
C LEU B 20 -2.78 -0.49 16.28
N ARG B 21 -2.34 0.74 16.04
CA ARG B 21 -1.72 1.06 14.75
C ARG B 21 -0.48 0.20 14.55
N VAL B 22 0.37 0.10 15.58
CA VAL B 22 1.64 -0.65 15.45
C VAL B 22 1.36 -2.17 15.28
N GLU B 23 0.35 -2.69 15.98
CA GLU B 23 0.02 -4.09 15.85
C GLU B 23 -0.26 -4.43 14.37
N SER B 24 -1.05 -3.55 13.77
CA SER B 24 -1.54 -3.65 12.38
C SER B 24 -0.32 -3.55 11.39
N LEU B 25 0.55 -2.56 11.61
CA LEU B 25 1.72 -2.37 10.72
C LEU B 25 2.71 -3.50 10.81
N LEU B 26 2.86 -4.05 12.01
CA LEU B 26 3.73 -5.19 12.24
C LEU B 26 3.25 -6.41 11.48
N ARG B 27 1.96 -6.76 11.59
N ARG B 27 1.96 -6.74 11.58
CA ARG B 27 1.40 -7.86 10.77
CA ARG B 27 1.38 -7.84 10.80
C ARG B 27 1.47 -7.55 9.28
C ARG B 27 1.39 -7.57 9.30
N GLN B 28 1.17 -6.31 8.92
CA GLN B 28 1.25 -5.89 7.51
C GLN B 28 2.67 -6.09 6.95
N ALA B 29 3.70 -5.64 7.67
CA ALA B 29 5.05 -5.89 7.14
C ALA B 29 5.33 -7.39 7.11
N HIS B 30 4.92 -8.12 8.15
CA HIS B 30 5.20 -9.54 8.19
C HIS B 30 4.62 -10.35 7.02
N LEU B 31 3.35 -10.12 6.71
CA LEU B 31 2.69 -10.88 5.65
C LEU B 31 3.18 -10.46 4.26
N ALA B 32 3.68 -9.23 4.11
CA ALA B 32 4.21 -8.75 2.83
C ALA B 32 5.69 -9.21 2.58
N SER B 33 6.35 -9.64 3.65
CA SER B 33 7.74 -10.10 3.74
C SER B 33 8.21 -11.20 2.81
N GLY B 34 7.29 -11.93 2.20
CA GLY B 34 7.70 -13.05 1.35
C GLY B 34 7.85 -12.61 -0.08
N PHE B 35 7.33 -11.43 -0.40
CA PHE B 35 7.45 -10.86 -1.75
C PHE B 35 6.92 -11.87 -2.81
N ALA B 36 5.85 -12.56 -2.40
CA ALA B 36 5.10 -13.56 -3.19
C ALA B 36 4.32 -12.97 -4.39
N ASP B 37 3.67 -11.83 -4.18
CA ASP B 37 2.98 -11.07 -5.25
C ASP B 37 3.87 -9.91 -5.70
N ASN B 38 3.82 -9.54 -6.97
CA ASN B 38 4.49 -8.31 -7.47
C ASN B 38 4.12 -7.00 -6.73
N HIS B 39 3.07 -7.00 -5.91
N HIS B 39 3.12 -7.19 -5.88
CA HIS B 39 2.67 -5.76 -5.21
CA HIS B 39 2.22 -6.26 -5.22
C HIS B 39 2.80 -5.75 -3.68
C HIS B 39 2.78 -5.86 -3.86
N GLN B 40 3.10 -6.90 -3.09
CA GLN B 40 3.36 -6.89 -1.65
C GLN B 40 4.44 -5.91 -1.18
N TYR B 41 5.44 -5.61 -2.01
CA TYR B 41 6.55 -4.76 -1.54
C TYR B 41 5.95 -3.40 -1.19
N GLN B 42 4.92 -2.98 -1.92
CA GLN B 42 4.20 -1.74 -1.52
C GLN B 42 3.75 -1.77 -0.06
N LEU B 43 3.14 -2.86 0.38
CA LEU B 43 2.61 -2.96 1.79
C LEU B 43 3.76 -3.07 2.82
N PHE B 44 4.84 -3.73 2.37
CA PHE B 44 5.97 -3.96 3.25
C PHE B 44 6.66 -2.65 3.59
N PHE B 45 7.03 -1.89 2.57
CA PHE B 45 7.78 -0.66 2.83
C PHE B 45 6.85 0.43 3.38
N ARG B 46 5.59 0.48 2.93
CA ARG B 46 4.71 1.47 3.58
C ARG B 46 4.58 1.25 5.10
N ALA B 47 4.44 0.00 5.51
CA ALA B 47 4.40 -0.36 6.95
C ALA B 47 5.66 0.00 7.73
N LEU B 48 6.84 -0.35 7.16
CA LEU B 48 8.11 -0.02 7.77
C LEU B 48 8.21 1.50 8.01
N PHE B 49 7.90 2.26 6.99
CA PHE B 49 7.99 3.72 7.05
C PHE B 49 6.90 4.38 7.91
N ASP B 50 5.71 3.77 7.91
CA ASP B 50 4.65 4.28 8.79
C ASP B 50 5.08 4.03 10.25
N VAL B 52 8.33 3.94 11.43
CA VAL B 52 9.37 4.95 11.71
C VAL B 52 8.71 6.31 12.08
N GLU B 53 7.70 6.70 11.31
N GLU B 53 7.70 6.73 11.33
CA GLU B 53 6.89 7.92 11.54
CA GLU B 53 6.98 7.97 11.63
C GLU B 53 6.30 7.88 12.95
C GLU B 53 6.28 7.91 12.99
N ILE B 54 5.58 6.81 13.25
CA ILE B 54 4.90 6.59 14.55
C ILE B 54 5.82 6.69 15.76
N PHE B 55 7.06 6.23 15.62
CA PHE B 55 7.99 6.16 16.73
C PHE B 55 8.36 7.57 17.09
N GLU B 56 8.50 8.40 16.05
CA GLU B 56 9.19 9.71 16.10
C GLU B 56 8.38 10.78 16.79
N GLN B 57 7.48 10.35 17.69
N GLN B 57 7.54 10.41 17.74
CA GLN B 57 6.35 11.14 18.15
CA GLN B 57 6.88 11.44 18.54
C GLN B 57 5.86 10.79 19.55
C GLN B 57 6.67 10.93 19.96
N ILE B 58 6.31 9.66 20.07
CA ILE B 58 5.72 9.13 21.32
C ILE B 58 6.61 8.16 22.09
N GLN B 59 6.50 8.18 23.42
CA GLN B 59 7.35 7.38 24.33
C GLN B 59 6.85 5.93 24.44
N LEU B 60 6.88 5.24 23.31
CA LEU B 60 6.25 3.95 23.17
C LEU B 60 6.88 2.88 24.07
N LYS B 61 8.21 2.85 24.12
CA LYS B 61 8.97 1.92 24.99
C LYS B 61 8.59 2.06 26.44
N SER B 62 8.63 3.30 26.92
CA SER B 62 8.29 3.59 28.30
C SER B 62 6.82 3.19 28.68
N GLU B 63 5.87 3.51 27.80
N GLU B 63 5.86 3.56 27.81
CA GLU B 63 4.46 3.20 28.04
CA GLU B 63 4.45 3.19 28.00
C GLU B 63 4.23 1.69 28.02
C GLU B 63 4.29 1.67 28.06
N LEU B 64 4.85 1.00 27.07
CA LEU B 64 4.69 -0.44 26.95
C LEU B 64 5.32 -1.19 28.15
N ALA B 65 6.52 -0.78 28.56
CA ALA B 65 7.16 -1.35 29.78
C ALA B 65 6.28 -1.27 31.02
N LYS B 66 5.75 -0.08 31.28
CA LYS B 66 4.84 0.09 32.42
C LYS B 66 3.59 -0.78 32.32
N ASP B 67 3.08 -0.93 31.11
CA ASP B 67 1.86 -1.73 30.90
C ASP B 67 2.14 -3.21 31.10
N LEU B 68 3.30 -3.68 30.68
CA LEU B 68 3.66 -5.06 30.89
C LEU B 68 3.89 -5.35 32.38
N GLU B 69 4.46 -4.38 33.08
CA GLU B 69 4.62 -4.46 34.54
C GLU B 69 3.26 -4.51 35.24
N LYS B 70 2.32 -3.74 34.77
CA LYS B 70 0.97 -3.84 35.35
C LYS B 70 0.36 -5.21 35.15
N GLN B 71 0.52 -5.77 33.95
N GLN B 71 0.51 -5.78 33.95
CA GLN B 71 0.05 -7.13 33.69
CA GLN B 71 0.01 -7.15 33.68
C GLN B 71 0.70 -8.14 34.61
C GLN B 71 0.71 -8.18 34.57
N ARG B 72 2.02 -8.05 34.75
CA ARG B 72 2.73 -8.90 35.69
C ARG B 72 2.17 -8.84 37.13
N LEU B 73 1.84 -7.65 37.63
CA LEU B 73 1.17 -7.51 38.96
C LEU B 73 -0.12 -8.32 39.10
N SER B 74 -0.90 -8.33 38.04
CA SER B 74 -2.20 -8.96 38.03
C SER B 74 -2.12 -10.47 38.24
N TYR B 75 -0.99 -11.09 37.99
CA TYR B 75 -0.92 -12.54 38.08
C TYR B 75 -0.51 -13.05 39.45
N ARG B 76 -0.31 -12.14 40.40
N ARG B 76 -0.14 -12.11 40.28
CA ARG B 76 -0.15 -12.53 41.80
CA ARG B 76 0.50 -12.40 41.52
C ARG B 76 -1.43 -12.95 42.51
C ARG B 76 -0.45 -13.10 42.49
N HIS B 77 -2.59 -12.72 41.91
N HIS B 77 -1.76 -12.82 42.34
CA HIS B 77 -3.78 -13.27 42.52
CA HIS B 77 -2.78 -13.45 43.20
C HIS B 77 -3.87 -14.75 42.12
C HIS B 77 -2.94 -14.94 42.85
N TRP B 78 -2.79 -15.28 41.56
CA TRP B 78 -2.78 -16.69 41.06
C TRP B 78 -1.75 -17.60 41.69
N LEU B 79 -0.69 -17.03 42.27
CA LEU B 79 0.32 -17.81 42.97
C LEU B 79 -0.18 -18.53 44.21
N ASN B 80 0.24 -19.79 44.32
CA ASN B 80 -0.15 -20.66 45.40
C ASN B 80 -1.67 -20.86 45.56
N VAL B 81 -2.42 -20.80 44.46
CA VAL B 81 -3.86 -20.98 44.56
C VAL B 81 -4.18 -22.46 44.26
N GLU B 82 -4.99 -23.11 45.11
CA GLU B 82 -5.43 -24.50 44.81
C GLU B 82 -5.95 -24.67 43.39
N GLY B 83 -5.44 -25.68 42.68
CA GLY B 83 -5.91 -26.04 41.36
C GLY B 83 -5.43 -25.21 40.23
N VAL B 84 -4.57 -24.22 40.50
CA VAL B 84 -3.97 -23.46 39.42
C VAL B 84 -2.65 -24.15 39.12
N ASP B 85 -2.46 -24.49 37.86
CA ASP B 85 -1.25 -25.09 37.33
C ASP B 85 -0.07 -24.10 37.50
N GLN B 86 0.76 -24.32 38.53
CA GLN B 86 1.85 -23.41 38.87
C GLN B 86 2.97 -23.44 37.84
N GLU B 87 3.12 -24.56 37.15
CA GLU B 87 4.10 -24.67 36.04
C GLU B 87 3.79 -23.68 34.92
N ALA B 88 2.56 -23.76 34.43
CA ALA B 88 2.07 -22.84 33.43
C ALA B 88 2.10 -21.38 33.91
N LEU B 89 1.79 -21.14 35.20
CA LEU B 89 1.80 -19.79 35.75
C LEU B 89 3.23 -19.22 35.76
N ASN B 90 4.18 -19.99 36.30
CA ASN B 90 5.60 -19.59 36.40
C ASN B 90 6.21 -19.31 35.07
N SER B 91 5.80 -20.08 34.06
CA SER B 91 6.15 -19.84 32.66
C SER B 91 5.60 -18.58 32.05
N LEU B 92 4.36 -18.24 32.41
CA LEU B 92 3.81 -16.97 31.97
C LEU B 92 4.56 -15.83 32.63
N LEU B 93 4.89 -15.93 33.91
CA LEU B 93 5.60 -14.89 34.61
C LEU B 93 7.01 -14.70 34.03
N ASN B 94 7.60 -15.79 33.56
CA ASN B 94 8.94 -15.74 33.12
C ASN B 94 8.95 -15.11 31.72
N GLU B 95 7.95 -15.46 30.94
CA GLU B 95 7.80 -14.95 29.62
C GLU B 95 7.57 -13.42 29.65
N ILE B 96 6.68 -12.94 30.53
CA ILE B 96 6.58 -11.52 30.77
C ILE B 96 7.94 -10.90 31.14
N ASP B 97 8.67 -11.51 32.07
CA ASP B 97 9.97 -10.97 32.47
C ASP B 97 10.97 -10.84 31.33
N VAL B 98 11.09 -11.88 30.50
CA VAL B 98 12.05 -11.94 29.39
C VAL B 98 11.65 -10.90 28.37
N VAL B 99 10.35 -10.83 28.06
CA VAL B 99 9.92 -9.89 27.05
C VAL B 99 10.14 -8.45 27.58
N HIS B 100 9.87 -8.23 28.87
CA HIS B 100 9.99 -6.91 29.49
C HIS B 100 11.52 -6.51 29.53
N SER B 101 12.41 -7.41 29.97
CA SER B 101 13.89 -7.21 29.89
C SER B 101 14.35 -6.86 28.49
N GLN B 102 13.98 -7.69 27.52
N GLN B 102 13.95 -7.66 27.51
CA GLN B 102 14.29 -7.41 26.10
CA GLN B 102 14.35 -7.37 26.12
C GLN B 102 13.87 -6.00 25.70
C GLN B 102 13.82 -6.05 25.57
N LEU B 103 12.65 -5.62 26.05
CA LEU B 103 12.11 -4.31 25.67
C LEU B 103 12.93 -3.16 26.29
N GLY B 105 15.90 -3.30 27.38
CA GLY B 105 17.25 -3.34 26.79
C GLY B 105 17.35 -2.95 25.34
N ALA B 106 16.25 -2.69 24.68
CA ALA B 106 16.29 -2.48 23.23
C ALA B 106 16.94 -1.15 22.79
N GLU B 107 17.54 -1.17 21.58
CA GLU B 107 17.93 0.05 20.90
C GLU B 107 16.71 0.90 20.67
N ARG B 108 16.92 2.21 20.53
N ARG B 108 16.90 2.21 20.53
CA ARG B 108 15.88 3.16 20.13
CA ARG B 108 15.83 3.13 20.21
C ARG B 108 15.03 2.55 19.02
C ARG B 108 15.04 2.61 19.01
N PHE B 109 13.70 2.70 19.07
CA PHE B 109 12.87 2.01 18.08
C PHE B 109 13.02 2.72 16.77
N GLY B 110 13.29 1.97 15.70
CA GLY B 110 13.37 2.55 14.35
C GLY B 110 14.73 3.15 13.96
N GLN B 111 15.63 3.22 14.94
N GLN B 111 15.67 3.23 14.91
CA GLN B 111 16.99 3.72 14.74
CA GLN B 111 16.95 3.84 14.60
C GLN B 111 17.70 2.97 13.62
C GLN B 111 17.83 2.98 13.67
N ALA B 112 17.72 1.64 13.72
CA ALA B 112 18.40 0.82 12.71
C ALA B 112 17.78 1.06 11.33
N LEU B 113 16.47 1.21 11.25
CA LEU B 113 15.83 1.52 9.98
C LEU B 113 16.24 2.87 9.44
N LYS B 114 16.32 3.87 10.32
CA LYS B 114 16.77 5.21 9.94
C LYS B 114 18.24 5.27 9.46
N GLU B 115 19.09 4.46 10.08
CA GLU B 115 20.51 4.37 9.73
C GLU B 115 20.80 3.48 8.52
N ASP B 116 19.78 2.83 7.96
CA ASP B 116 19.99 1.98 6.79
C ASP B 116 20.14 2.85 5.56
N ARG B 117 21.27 2.70 4.84
CA ARG B 117 21.50 3.59 3.72
C ARG B 117 20.37 3.51 2.69
N PHE B 118 20.08 2.31 2.21
CA PHE B 118 19.04 2.10 1.20
C PHE B 118 17.65 2.64 1.71
N LEU B 119 17.22 2.22 2.91
CA LEU B 119 15.95 2.72 3.42
C LEU B 119 15.85 4.20 3.48
N SER B 120 16.83 4.87 4.07
CA SER B 120 16.70 6.31 4.19
C SER B 120 16.83 7.00 2.85
N SER B 121 17.48 6.38 1.87
CA SER B 121 17.52 7.00 0.54
C SER B 121 16.18 6.99 -0.21
N ILE B 122 15.29 6.05 0.09
CA ILE B 122 13.99 5.98 -0.58
C ILE B 122 12.85 6.48 0.30
N ARG B 123 13.14 6.75 1.57
CA ARG B 123 12.08 7.10 2.54
C ARG B 123 11.18 8.30 2.19
N GLN B 124 11.79 9.42 1.79
N GLN B 124 11.82 9.42 1.84
CA GLN B 124 11.01 10.65 1.60
CA GLN B 124 11.10 10.66 1.53
C GLN B 124 10.30 10.71 0.24
C GLN B 124 10.25 10.47 0.30
N ARG B 125 10.92 10.13 -0.79
CA ARG B 125 10.29 9.94 -2.08
C ARG B 125 9.18 8.89 -1.98
N PHE B 126 9.45 7.81 -1.25
CA PHE B 126 8.44 6.78 -1.00
C PHE B 126 7.15 7.35 -0.40
N ASN B 127 7.29 8.25 0.57
N ASN B 127 7.30 8.25 0.57
CA ASN B 127 6.15 8.77 1.34
CA ASN B 127 6.17 8.81 1.34
C ASN B 127 5.17 9.70 0.60
C ASN B 127 5.13 9.62 0.55
N LEU B 128 5.57 10.20 -0.57
CA LEU B 128 4.69 11.01 -1.45
C LEU B 128 3.62 10.14 -2.16
N PRO B 129 2.56 10.78 -2.75
CA PRO B 129 1.54 10.09 -3.60
C PRO B 129 2.14 9.10 -4.61
N GLY B 130 1.68 7.84 -4.57
CA GLY B 130 2.51 6.74 -5.09
C GLY B 130 1.97 5.56 -5.89
N GLY B 131 1.93 5.71 -7.21
CA GLY B 131 1.65 4.59 -8.09
C GLY B 131 1.94 4.92 -9.54
N CYS B 133 4.31 2.55 -8.72
CA CYS B 133 5.37 1.92 -9.53
C CYS B 133 6.70 2.54 -9.17
N CYS B 134 7.72 2.26 -9.99
CA CYS B 134 9.11 2.50 -9.60
C CYS B 134 10.02 3.20 -10.61
N PHE B 135 9.48 3.67 -11.72
CA PHE B 135 10.29 4.52 -12.60
C PHE B 135 10.87 5.75 -11.86
N ASP B 136 10.17 6.10 -10.77
N ASP B 136 10.28 6.18 -10.76
CA ASP B 136 10.48 7.20 -9.89
CA ASP B 136 10.84 7.33 -10.08
C ASP B 136 11.66 6.90 -9.00
C ASP B 136 11.54 6.96 -8.76
N LEU B 137 11.72 5.66 -8.52
CA LEU B 137 12.64 5.18 -7.50
C LEU B 137 13.49 4.01 -8.08
N PRO B 138 14.43 4.32 -8.96
CA PRO B 138 15.29 3.26 -9.53
C PRO B 138 16.08 2.41 -8.51
N ALA B 139 16.51 2.94 -7.38
CA ALA B 139 17.18 2.10 -6.39
C ALA B 139 16.29 1.00 -5.87
N LEU B 140 15.02 1.36 -5.59
CA LEU B 140 14.01 0.42 -5.17
C LEU B 140 13.76 -0.60 -6.30
N HIS B 141 13.59 -0.12 -7.52
CA HIS B 141 13.35 -1.02 -8.59
C HIS B 141 14.50 -2.06 -8.75
N TYR B 142 15.77 -1.64 -8.54
CA TYR B 142 16.93 -2.52 -8.64
C TYR B 142 16.78 -3.56 -7.53
N TRP B 143 16.48 -3.06 -6.34
CA TRP B 143 16.35 -3.96 -5.20
C TRP B 143 15.31 -5.08 -5.39
N LEU B 144 14.20 -4.74 -6.06
CA LEU B 144 13.08 -5.68 -6.28
C LEU B 144 13.52 -6.79 -7.24
N HIS B 145 14.56 -6.54 -8.02
N HIS B 145 14.55 -6.49 -8.02
CA HIS B 145 15.05 -7.56 -8.96
CA HIS B 145 15.18 -7.38 -9.03
C HIS B 145 16.34 -8.27 -8.52
C HIS B 145 16.18 -8.38 -8.44
N LEU B 146 16.67 -8.12 -7.24
CA LEU B 146 17.60 -9.03 -6.57
C LEU B 146 16.96 -10.40 -6.32
N PRO B 147 17.79 -11.46 -6.17
CA PRO B 147 17.16 -12.78 -5.92
C PRO B 147 16.20 -12.73 -4.73
N ILE B 148 15.11 -13.48 -4.81
CA ILE B 148 14.12 -13.55 -3.72
C ILE B 148 14.76 -13.84 -2.35
N GLU B 149 15.76 -14.70 -2.32
N GLU B 149 15.78 -14.69 -2.32
CA GLU B 149 16.46 -15.04 -1.07
CA GLU B 149 16.44 -15.04 -1.04
C GLU B 149 17.03 -13.79 -0.40
C GLU B 149 17.05 -13.80 -0.39
N ARG B 150 17.59 -12.93 -1.22
CA ARG B 150 18.30 -11.75 -0.75
C ARG B 150 17.28 -10.73 -0.26
N LYS B 151 16.23 -10.51 -1.05
CA LYS B 151 15.11 -9.69 -0.59
C LYS B 151 14.54 -10.13 0.75
N LYS B 152 14.25 -11.43 0.91
CA LYS B 152 13.70 -11.89 2.19
C LYS B 152 14.67 -11.69 3.34
N HIS B 153 15.95 -11.93 3.07
CA HIS B 153 16.97 -11.78 4.10
C HIS B 153 17.03 -10.31 4.55
N ASP B 154 17.02 -9.40 3.59
CA ASP B 154 17.00 -7.95 3.91
C ASP B 154 15.76 -7.63 4.70
N ALA B 155 14.60 -8.12 4.27
CA ALA B 155 13.33 -7.90 4.98
C ALA B 155 13.32 -8.44 6.39
N ASN B 156 13.87 -9.63 6.58
N ASN B 156 13.84 -9.67 6.57
CA ASN B 156 13.93 -10.19 7.92
CA ASN B 156 14.02 -10.29 7.91
C ASN B 156 14.89 -9.47 8.87
C ASN B 156 14.87 -9.45 8.84
N GLN B 157 16.01 -8.97 8.35
CA GLN B 157 16.90 -8.11 9.18
C GLN B 157 16.19 -6.83 9.65
N TRP B 158 15.50 -6.15 8.75
CA TRP B 158 14.76 -4.93 9.11
C TRP B 158 13.68 -5.24 10.13
N GLN B 159 12.98 -6.36 9.98
CA GLN B 159 11.92 -6.64 10.92
C GLN B 159 12.50 -7.05 12.25
N LYS B 160 13.65 -7.73 12.21
N LYS B 160 13.65 -7.73 12.18
CA LYS B 160 14.26 -8.21 13.45
CA LYS B 160 14.38 -8.21 13.36
C LYS B 160 14.66 -7.01 14.36
C LYS B 160 14.71 -7.05 14.31
N SER B 161 15.02 -5.89 13.75
CA SER B 161 15.28 -4.65 14.54
C SER B 161 14.08 -4.21 15.41
N LEU B 162 12.88 -4.67 15.06
CA LEU B 162 11.65 -4.30 15.77
C LEU B 162 11.22 -5.38 16.71
N LYS B 163 11.98 -6.47 16.77
CA LYS B 163 11.54 -7.65 17.49
C LYS B 163 11.27 -7.38 18.95
N PRO B 164 12.12 -6.58 19.65
CA PRO B 164 11.75 -6.33 21.06
C PRO B 164 10.37 -5.63 21.25
N LEU B 165 10.05 -4.72 20.33
CA LEU B 165 8.75 -4.04 20.37
C LEU B 165 7.62 -5.02 20.02
N SER B 166 7.85 -5.83 18.99
CA SER B 166 6.85 -6.76 18.55
C SER B 166 6.53 -7.77 19.62
N ASP B 167 7.55 -8.38 20.21
CA ASP B 167 7.28 -9.32 21.30
C ASP B 167 6.49 -8.71 22.45
N ALA B 168 6.86 -7.52 22.87
CA ALA B 168 6.22 -6.83 24.00
C ALA B 168 4.76 -6.46 23.71
N LEU B 169 4.51 -5.91 22.53
CA LEU B 169 3.18 -5.46 22.13
C LEU B 169 2.27 -6.64 21.90
N THR B 170 2.79 -7.65 21.21
CA THR B 170 2.03 -8.89 20.95
C THR B 170 1.62 -9.52 22.29
N LEU B 171 2.54 -9.54 23.26
CA LEU B 171 2.23 -10.13 24.56
C LEU B 171 1.22 -9.27 25.32
N TRP B 172 1.45 -7.96 25.38
CA TRP B 172 0.53 -7.12 26.18
C TRP B 172 -0.89 -7.18 25.58
N LEU B 173 -1.03 -7.10 24.26
CA LEU B 173 -2.38 -7.19 23.62
C LEU B 173 -3.02 -8.53 23.83
N LYS B 174 -2.21 -9.61 23.74
CA LYS B 174 -2.74 -10.96 24.04
C LYS B 174 -3.33 -11.08 25.43
N LEU B 175 -2.59 -10.61 26.41
CA LEU B 175 -3.06 -10.70 27.80
C LEU B 175 -4.18 -9.72 28.13
N ALA B 176 -4.20 -8.55 27.48
CA ALA B 176 -5.30 -7.62 27.72
C ALA B 176 -6.60 -8.15 27.09
N ARG B 177 -6.49 -8.78 25.92
CA ARG B 177 -7.70 -9.27 25.26
C ARG B 177 -8.32 -10.47 26.01
N GLU B 178 -7.46 -11.34 26.57
N GLU B 178 -7.45 -11.28 26.61
CA GLU B 178 -7.88 -12.53 27.32
CA GLU B 178 -7.87 -12.49 27.31
C GLU B 178 -8.60 -12.18 28.63
C GLU B 178 -8.56 -12.20 28.65
N THR B 179 -8.32 -11.01 29.19
CA THR B 179 -8.97 -10.61 30.46
C THR B 179 -10.27 -9.86 30.26
N GLY B 180 -10.56 -9.45 29.04
CA GLY B 180 -11.85 -8.82 28.78
C GLY B 180 -12.90 -9.90 28.57
N HIS B 181 -14.08 -9.67 29.16
N HIS B 181 -14.07 -9.74 29.18
CA HIS B 181 -15.22 -10.59 29.05
CA HIS B 181 -15.13 -10.67 28.87
C HIS B 181 -16.40 -9.92 28.33
C HIS B 181 -16.38 -9.98 28.35
N PHE B 182 -16.93 -10.59 27.30
CA PHE B 182 -18.09 -10.05 26.58
C PHE B 182 -19.38 -10.20 27.39
N LYS B 183 -20.04 -9.06 27.64
CA LYS B 183 -21.34 -8.97 28.29
C LYS B 183 -22.39 -8.38 27.34
N ALA B 184 -23.50 -9.10 27.14
CA ALA B 184 -24.60 -8.63 26.30
C ALA B 184 -25.02 -7.23 26.73
N GLN B 185 -25.21 -6.33 25.77
CA GLN B 185 -25.69 -4.98 26.08
C GLN B 185 -26.81 -4.63 25.13
N ILE B 186 -27.33 -3.42 25.29
CA ILE B 186 -28.41 -2.96 24.43
C ILE B 186 -28.32 -1.44 24.21
N ALA B 187 -28.30 -1.07 22.93
CA ALA B 187 -28.31 0.33 22.53
C ALA B 187 -29.73 0.67 22.08
N ARG B 188 -30.57 1.01 23.06
CA ARG B 188 -31.95 1.37 22.77
C ARG B 188 -31.98 2.68 21.96
N ALA B 189 -32.76 2.65 20.85
CA ALA B 189 -32.70 3.71 19.84
C ALA B 189 -31.26 3.98 19.32
N GLY B 190 -30.46 2.92 19.21
CA GLY B 190 -29.13 3.00 18.57
C GLY B 190 -28.04 3.72 19.34
N PHE B 191 -28.27 4.00 20.62
CA PHE B 191 -27.30 4.71 21.47
C PHE B 191 -26.96 3.90 22.73
N PHE B 192 -25.69 3.89 23.10
CA PHE B 192 -25.26 3.24 24.33
C PHE B 192 -24.25 4.15 24.98
N GLN B 193 -24.26 4.21 26.30
CA GLN B 193 -23.22 4.95 27.00
C GLN B 193 -22.91 4.23 28.27
N SER B 194 -21.64 4.28 28.65
CA SER B 194 -21.18 3.81 29.94
C SER B 194 -19.96 4.61 30.35
N ASP B 195 -19.17 4.04 31.26
CA ASP B 195 -17.93 4.65 31.70
C ASP B 195 -16.88 3.55 31.97
N ALA B 196 -15.70 3.73 31.39
CA ALA B 196 -14.61 2.78 31.54
C ALA B 196 -13.56 3.32 32.50
N ASP B 197 -13.48 2.72 33.68
N ASP B 197 -13.47 2.67 33.65
CA ASP B 197 -12.44 3.07 34.65
CA ASP B 197 -12.45 2.99 34.64
C ASP B 197 -11.14 2.32 34.30
C ASP B 197 -11.14 2.29 34.27
N GLU B 198 -10.12 3.09 33.94
CA GLU B 198 -8.76 2.57 33.59
C GLU B 198 -8.67 1.71 32.30
N ALA B 199 -9.77 1.63 31.54
CA ALA B 199 -9.83 0.73 30.40
C ALA B 199 -9.02 1.24 29.23
N ASN B 200 -8.51 0.31 28.43
CA ASN B 200 -7.78 0.69 27.21
C ASN B 200 -8.50 0.40 25.90
N ILE B 201 -9.19 -0.73 25.82
CA ILE B 201 -9.83 -1.19 24.58
C ILE B 201 -11.30 -1.61 24.80
N LEU B 202 -12.15 -1.23 23.86
CA LEU B 202 -13.51 -1.74 23.79
C LEU B 202 -13.56 -2.75 22.70
N ARG B 203 -14.12 -3.90 23.00
CA ARG B 203 -14.29 -4.93 22.02
C ARG B 203 -15.80 -5.16 21.84
N LEU B 204 -16.30 -4.91 20.64
CA LEU B 204 -17.74 -5.00 20.34
C LEU B 204 -18.07 -6.08 19.36
N HIS B 205 -19.17 -6.78 19.60
CA HIS B 205 -19.61 -7.81 18.68
C HIS B 205 -21.03 -7.41 18.30
N ILE B 206 -21.24 -7.17 17.02
CA ILE B 206 -22.53 -6.66 16.54
C ILE B 206 -23.08 -7.62 15.50
N PRO B 207 -24.30 -8.15 15.73
CA PRO B 207 -24.85 -9.02 14.70
C PRO B 207 -24.85 -8.31 13.31
N LYS B 209 -26.92 -8.63 11.20
CA LYS B 209 -28.33 -8.47 10.86
C LYS B 209 -28.82 -7.01 10.90
N TYR B 210 -28.12 -6.13 11.64
CA TYR B 210 -28.63 -4.76 11.79
C TYR B 210 -28.15 -3.82 10.67
N GLY B 211 -27.13 -4.27 9.91
CA GLY B 211 -26.45 -3.42 8.92
C GLY B 211 -26.01 -2.08 9.50
N VAL B 212 -25.62 -2.12 11.01
CA VAL B 212 -25.16 -0.88 11.57
C VAL B 212 -23.62 -0.96 11.81
N TYR B 213 -22.97 0.19 11.93
CA TYR B 213 -21.59 0.24 12.41
C TYR B 213 -21.40 1.29 13.57
N PRO B 214 -20.47 1.03 14.55
CA PRO B 214 -20.42 1.97 15.68
C PRO B 214 -19.53 3.20 15.49
N ILE B 216 -17.75 5.69 17.96
CA ILE B 216 -17.41 5.79 19.37
C ILE B 216 -16.63 7.08 19.68
N SER B 217 -17.05 7.79 20.74
CA SER B 217 -16.37 9.00 21.24
C SER B 217 -16.13 8.90 22.75
N GLY B 218 -15.34 9.83 23.30
CA GLY B 218 -14.95 9.73 24.72
C GLY B 218 -14.63 11.01 25.50
N HIS B 219 -14.79 10.93 26.82
CA HIS B 219 -14.48 12.04 27.74
C HIS B 219 -14.09 11.53 29.12
N LYS B 220 -12.84 11.80 29.50
CA LYS B 220 -12.27 11.32 30.77
C LYS B 220 -12.35 9.80 30.81
N ASN B 221 -13.33 9.30 31.58
CA ASN B 221 -13.54 7.87 31.82
C ASN B 221 -14.84 7.36 31.20
N ARG B 222 -15.54 8.24 30.47
CA ARG B 222 -16.80 7.90 29.79
C ARG B 222 -16.62 7.73 28.28
N PHE B 223 -17.42 6.85 27.70
CA PHE B 223 -17.50 6.68 26.24
C PHE B 223 -18.95 6.58 25.77
N ALA B 224 -19.17 6.95 24.50
CA ALA B 224 -20.49 6.83 23.86
C ALA B 224 -20.42 6.04 22.54
N ILE B 225 -21.37 5.12 22.37
CA ILE B 225 -21.50 4.31 21.15
C ILE B 225 -22.80 4.64 20.42
N LYS B 226 -22.68 5.24 19.25
CA LYS B 226 -23.82 5.54 18.40
C LYS B 226 -23.74 4.70 17.13
N PHE B 227 -24.78 3.94 16.82
CA PHE B 227 -24.77 3.10 15.63
C PHE B 227 -25.26 3.83 14.39
N ALA B 229 -26.45 3.34 10.13
CA ALA B 229 -26.82 2.40 9.08
C ALA B 229 -25.72 2.51 8.00
N PHE B 230 -25.00 1.32 7.73
CA PHE B 230 -23.98 1.28 6.67
C PHE B 230 -24.55 1.70 5.27
N GLU B 231 -25.79 1.31 4.97
CA GLU B 231 -26.37 1.61 3.65
C GLU B 231 -26.48 3.13 3.34
N ASN B 232 -26.84 4.01 4.31
CA ASN B 232 -26.99 5.44 4.02
C ASN B 232 -26.20 6.38 4.92
N GLY B 233 -25.23 5.77 5.80
CA GLY B 233 -24.44 6.64 6.69
C GLY B 233 -25.27 7.35 7.78
N GLN B 234 -26.59 7.19 7.71
CA GLN B 234 -27.51 7.86 8.64
C GLN B 234 -27.51 7.20 10.02
N ALA B 235 -27.95 8.02 11.05
CA ALA B 235 -27.96 7.48 12.43
C ALA B 235 -29.06 6.43 12.55
N CYS B 236 -28.72 5.29 13.14
CA CYS B 236 -29.68 4.23 13.38
C CYS B 236 -30.42 4.64 14.63
N SER B 237 -31.72 4.43 14.68
CA SER B 237 -32.45 4.78 15.88
C SER B 237 -33.31 3.65 16.40
N GLN B 238 -32.84 2.41 16.23
N GLN B 238 -32.85 2.40 16.18
CA GLN B 238 -33.57 1.26 16.75
CA GLN B 238 -33.56 1.20 16.65
C GLN B 238 -32.75 0.44 17.72
C GLN B 238 -32.75 0.44 17.71
N ASP B 239 -33.42 -0.44 18.47
CA ASP B 239 -32.78 -1.28 19.50
C ASP B 239 -31.72 -2.19 18.89
N VAL B 240 -30.48 -2.03 19.38
CA VAL B 240 -29.38 -2.84 18.89
C VAL B 240 -28.79 -3.70 20.04
N GLU B 241 -28.81 -5.01 19.83
CA GLU B 241 -28.26 -5.97 20.79
C GLU B 241 -26.86 -6.33 20.33
N PHE B 242 -25.94 -6.27 21.27
CA PHE B 242 -24.55 -6.54 20.98
C PHE B 242 -23.83 -6.93 22.25
N GLU B 243 -22.67 -7.54 22.09
CA GLU B 243 -21.80 -7.89 23.21
C GLU B 243 -20.69 -6.86 23.27
N LEU B 244 -20.37 -6.47 24.49
CA LEU B 244 -19.31 -5.49 24.73
C LEU B 244 -18.27 -6.06 25.73
N ALA B 245 -16.98 -6.10 25.35
CA ALA B 245 -15.92 -6.42 26.35
C ALA B 245 -15.01 -5.22 26.55
N VAL B 246 -14.90 -4.75 27.77
CA VAL B 246 -14.00 -3.64 28.14
C VAL B 246 -12.69 -4.25 28.68
N CYS B 247 -11.57 -3.95 28.02
CA CYS B 247 -10.25 -4.55 28.34
C CYS B 247 -9.24 -3.49 28.81
#